data_3Q92
#
_entry.id   3Q92
#
_cell.length_a   82.880
_cell.length_b   86.073
_cell.length_c   136.650
_cell.angle_alpha   90.00
_cell.angle_beta   90.00
_cell.angle_gamma   90.00
#
_symmetry.space_group_name_H-M   'P 21 21 21'
#
loop_
_entity.id
_entity.type
_entity.pdbx_description
1 polymer Ketohexokinase
2 non-polymer N~8~-(cyclopropylmethyl)-N~4~-[2-(methylsulfanyl)phenyl]-2-(piperazin-1-yl)pyrimido[5,4-d]pyrimidine-4,8-diamine
3 non-polymer 'SULFATE ION'
4 water water
#
_entity_poly.entity_id   1
_entity_poly.type   'polypeptide(L)'
_entity_poly.pdbx_seq_one_letter_code
;MGSSHHHHHHSSGLVPRGSQILCVGLVVLDVISLVDKYPKEDSEIRCLSQRWQRGGNASNSCTVLSLLGAPCAFMGSMAP
GHVADFLVADFRRRGVDVSQVAWQSKGDTPSSCCIINNSNGNRTIVLHDTSLPDVSATDFEKVDLTQFKWIHIEGRNASE
QVKMLQRIDAHNTRQPPEQKIRVSVEVEKPREELFQLFGYGDVVFVSKDVAKHLGFQSAEEALRGLYGRVRKGAVLVCAW
AEEGADALGPDGKLLHSDAFPPPRVVDTLGAGDTFNASVIFSLSQGRSVQEALRFGCQVAGKKCGLQGFDGIV
;
_entity_poly.pdbx_strand_id   A,B
#
loop_
_chem_comp.id
_chem_comp.type
_chem_comp.name
_chem_comp.formula
SO4 non-polymer 'SULFATE ION' 'O4 S -2'
XNB non-polymer N~8~-(cyclopropylmethyl)-N~4~-[2-(methylsulfanyl)phenyl]-2-(piperazin-1-yl)pyrimido[5,4-d]pyrimidine-4,8-diamine 'C21 H26 N8 S'
#
# COMPACT_ATOMS: atom_id res chain seq x y z
N GLY A 18 2.48 36.56 -15.54
CA GLY A 18 3.61 35.64 -15.46
C GLY A 18 4.09 35.32 -14.05
N SER A 19 3.17 34.88 -13.20
CA SER A 19 3.44 34.80 -11.77
C SER A 19 3.53 33.37 -11.23
N GLN A 20 3.17 32.38 -12.04
CA GLN A 20 3.18 31.00 -11.56
C GLN A 20 4.47 30.28 -11.93
N ILE A 21 4.76 29.20 -11.20
CA ILE A 21 5.81 28.26 -11.60
C ILE A 21 5.12 26.95 -11.96
N LEU A 22 5.57 26.32 -13.04
CA LEU A 22 4.91 25.10 -13.52
C LEU A 22 5.84 23.90 -13.49
N CYS A 23 5.43 22.84 -12.83
CA CYS A 23 6.19 21.58 -12.95
C CYS A 23 5.47 20.54 -13.80
N VAL A 24 6.24 19.87 -14.64
CA VAL A 24 5.73 18.91 -15.60
C VAL A 24 6.35 17.54 -15.34
N GLY A 25 5.57 16.62 -14.78
CA GLY A 25 6.03 15.27 -14.55
C GLY A 25 4.91 14.41 -13.99
N LEU A 26 5.26 13.46 -13.12
CA LEU A 26 4.28 12.49 -12.62
C LEU A 26 3.61 12.89 -11.32
N VAL A 27 2.42 12.32 -11.10
CA VAL A 27 1.78 12.32 -9.80
C VAL A 27 1.48 10.86 -9.48
N VAL A 28 1.68 10.45 -8.25
CA VAL A 28 1.63 9.05 -7.92
C VAL A 28 1.22 8.85 -6.48
N LEU A 29 0.33 7.91 -6.23
CA LEU A 29 0.00 7.58 -4.87
C LEU A 29 1.18 6.86 -4.23
N ASP A 30 1.75 7.48 -3.21
CA ASP A 30 2.79 6.87 -2.43
C ASP A 30 2.15 6.18 -1.21
N VAL A 31 2.15 4.85 -1.25
CA VAL A 31 1.61 4.04 -0.16
C VAL A 31 2.72 3.65 0.83
N ILE A 32 2.84 4.46 1.89
CA ILE A 32 4.00 4.47 2.77
C ILE A 32 3.87 3.55 3.97
N SER A 33 4.93 2.79 4.21
CA SER A 33 5.06 1.97 5.41
C SER A 33 6.30 2.44 6.14
N LEU A 34 6.15 2.72 7.43
CA LEU A 34 7.26 3.15 8.23
C LEU A 34 7.79 1.97 9.01
N VAL A 35 9.03 1.57 8.72
CA VAL A 35 9.64 0.36 9.30
C VAL A 35 10.89 0.67 10.15
N ASP A 36 11.07 0.00 11.28
CA ASP A 36 12.25 0.37 12.09
C ASP A 36 13.58 -0.23 11.62
N LYS A 37 13.50 -1.18 10.71
CA LYS A 37 14.67 -1.63 9.97
C LYS A 37 14.17 -2.24 8.66
N TYR A 38 15.03 -2.24 7.64
CA TYR A 38 14.68 -2.84 6.36
C TYR A 38 14.60 -4.35 6.50
N PRO A 39 13.52 -4.98 6.00
CA PRO A 39 13.40 -6.43 6.22
C PRO A 39 14.26 -7.19 5.21
N LYS A 40 14.67 -8.40 5.53
CA LYS A 40 15.38 -9.21 4.55
C LYS A 40 14.41 -10.09 3.74
N GLU A 41 14.89 -10.66 2.64
CA GLU A 41 14.09 -11.60 1.85
C GLU A 41 13.38 -12.60 2.76
N ASP A 42 12.15 -12.93 2.41
CA ASP A 42 11.47 -14.01 3.09
C ASP A 42 10.90 -13.58 4.45
N SER A 43 11.50 -12.57 5.07
CA SER A 43 11.06 -12.15 6.40
C SER A 43 9.68 -11.50 6.49
N GLU A 44 9.17 -11.44 7.70
CA GLU A 44 7.83 -10.94 7.92
C GLU A 44 7.90 -9.98 9.12
N ILE A 45 8.11 -8.69 8.84
CA ILE A 45 8.22 -7.70 9.90
C ILE A 45 7.12 -6.65 9.86
N ARG A 46 6.51 -6.42 11.00
CA ARG A 46 5.39 -5.48 11.13
C ARG A 46 5.86 -4.04 11.10
N CYS A 47 5.10 -3.15 10.46
CA CYS A 47 5.53 -1.76 10.33
C CYS A 47 5.05 -0.92 11.51
N LEU A 48 5.73 0.22 11.73
CA LEU A 48 5.44 1.13 12.85
C LEU A 48 4.22 2.00 12.62
N SER A 49 4.14 2.60 11.44
CA SER A 49 2.97 3.38 11.07
C SER A 49 2.81 3.34 9.57
N GLN A 50 1.65 3.76 9.07
CA GLN A 50 1.45 3.86 7.63
C GLN A 50 0.65 5.10 7.22
N ARG A 51 0.97 5.64 6.04
CA ARG A 51 0.22 6.77 5.56
C ARG A 51 0.11 6.70 4.05
N TRP A 52 -0.82 7.49 3.52
CA TRP A 52 -0.95 7.69 2.09
C TRP A 52 -0.37 9.06 1.78
N GLN A 53 0.19 9.24 0.60
CA GLN A 53 0.89 10.50 0.33
C GLN A 53 0.99 10.84 -1.15
N ARG A 54 0.53 12.03 -1.55
CA ARG A 54 0.65 12.46 -2.95
C ARG A 54 2.12 12.56 -3.39
N GLY A 55 2.55 11.65 -4.25
CA GLY A 55 3.94 11.58 -4.67
C GLY A 55 4.19 11.95 -6.12
N GLY A 56 5.24 11.40 -6.69
CA GLY A 56 5.65 11.78 -8.03
C GLY A 56 6.53 13.01 -7.96
N ASN A 57 7.68 12.94 -8.62
CA ASN A 57 8.68 14.01 -8.50
C ASN A 57 8.11 15.41 -8.68
N ALA A 58 7.56 15.70 -9.85
CA ALA A 58 7.02 17.04 -10.12
C ALA A 58 5.85 17.40 -9.19
N SER A 59 5.12 16.39 -8.74
CA SER A 59 4.07 16.58 -7.75
C SER A 59 4.63 17.08 -6.41
N ASN A 60 5.69 16.42 -5.95
CA ASN A 60 6.38 16.81 -4.73
C ASN A 60 6.94 18.24 -4.77
N SER A 61 7.63 18.57 -5.85
CA SER A 61 8.16 19.91 -6.04
C SER A 61 7.08 21.00 -5.93
N CYS A 62 5.92 20.77 -6.54
CA CYS A 62 4.75 21.64 -6.33
C CYS A 62 4.37 21.82 -4.86
N THR A 63 4.30 20.69 -4.15
CA THR A 63 4.08 20.75 -2.72
C THR A 63 5.10 21.66 -2.08
N VAL A 64 6.36 21.45 -2.40
CA VAL A 64 7.43 22.18 -1.75
C VAL A 64 7.35 23.66 -2.11
N LEU A 65 7.07 23.93 -3.39
CA LEU A 65 6.95 25.32 -3.86
C LEU A 65 5.79 26.03 -3.16
N SER A 66 4.64 25.36 -3.13
CA SER A 66 3.48 25.88 -2.43
C SER A 66 3.84 26.32 -1.00
N LEU A 67 4.38 25.41 -0.20
CA LEU A 67 4.79 25.71 1.15
C LEU A 67 5.73 26.93 1.27
N LEU A 68 6.55 27.14 0.25
CA LEU A 68 7.50 28.27 0.24
C LEU A 68 6.81 29.58 -0.08
N GLY A 69 5.53 29.49 -0.46
CA GLY A 69 4.73 30.66 -0.78
C GLY A 69 4.78 31.06 -2.23
N ALA A 70 5.19 30.16 -3.12
CA ALA A 70 5.32 30.49 -4.53
C ALA A 70 4.15 29.91 -5.32
N PRO A 71 3.35 30.77 -5.96
CA PRO A 71 2.25 30.22 -6.77
C PRO A 71 2.76 29.32 -7.88
N CYS A 72 2.19 28.11 -7.97
CA CYS A 72 2.68 27.10 -8.88
C CYS A 72 1.56 26.25 -9.47
N ALA A 73 1.91 25.45 -10.47
CA ALA A 73 0.94 24.63 -11.17
C ALA A 73 1.54 23.26 -11.54
N PHE A 74 0.81 22.19 -11.27
CA PHE A 74 1.21 20.88 -11.76
C PHE A 74 0.57 20.56 -13.10
N MET A 75 1.36 19.98 -13.99
CA MET A 75 0.80 19.39 -15.21
C MET A 75 1.27 17.95 -15.38
N GLY A 76 0.32 17.02 -15.44
CA GLY A 76 0.61 15.64 -15.75
C GLY A 76 -0.66 14.86 -16.09
N SER A 77 -0.49 13.59 -16.43
CA SER A 77 -1.62 12.72 -16.72
C SER A 77 -2.27 12.16 -15.47
N MET A 78 -3.58 11.99 -15.53
CA MET A 78 -4.32 11.39 -14.43
C MET A 78 -5.56 10.64 -14.95
N ALA A 79 -5.73 9.39 -14.48
CA ALA A 79 -6.94 8.65 -14.77
C ALA A 79 -7.97 8.85 -13.66
N PRO A 80 -9.19 9.24 -14.06
CA PRO A 80 -10.30 9.49 -13.13
C PRO A 80 -10.60 8.25 -12.30
N GLY A 81 -10.81 8.46 -11.01
CA GLY A 81 -11.14 7.39 -10.10
C GLY A 81 -11.03 7.89 -8.69
N HIS A 82 -11.16 7.01 -7.71
CA HIS A 82 -11.08 7.42 -6.31
C HIS A 82 -9.67 7.79 -5.89
N VAL A 83 -8.70 7.19 -6.57
CA VAL A 83 -7.29 7.47 -6.37
C VAL A 83 -7.06 8.92 -6.77
N ALA A 84 -7.39 9.23 -8.01
CA ALA A 84 -7.27 10.61 -8.47
C ALA A 84 -8.03 11.57 -7.56
N ASP A 85 -9.17 11.15 -7.04
CA ASP A 85 -9.98 12.00 -6.16
C ASP A 85 -9.22 12.41 -4.89
N PHE A 86 -8.37 11.52 -4.40
CA PHE A 86 -7.50 11.81 -3.26
C PHE A 86 -6.33 12.69 -3.64
N LEU A 87 -5.65 12.33 -4.72
CA LEU A 87 -4.52 13.12 -5.20
C LEU A 87 -4.93 14.57 -5.42
N VAL A 88 -6.14 14.77 -5.93
CA VAL A 88 -6.60 16.10 -6.27
C VAL A 88 -6.92 16.93 -5.05
N ALA A 89 -7.63 16.33 -4.10
CA ALA A 89 -7.97 17.07 -2.90
C ALA A 89 -6.68 17.52 -2.28
N ASP A 90 -5.61 16.79 -2.57
CA ASP A 90 -4.36 17.10 -1.92
C ASP A 90 -3.76 18.34 -2.56
N PHE A 91 -3.63 18.31 -3.88
CA PHE A 91 -3.18 19.46 -4.64
C PHE A 91 -3.87 20.75 -4.18
N ARG A 92 -5.17 20.67 -3.98
CA ARG A 92 -5.96 21.85 -3.66
C ARG A 92 -5.79 22.33 -2.22
N ARG A 93 -5.74 21.40 -1.28
CA ARG A 93 -5.52 21.77 0.11
C ARG A 93 -4.24 22.59 0.16
N ARG A 94 -3.52 22.56 -0.96
CA ARG A 94 -2.16 23.09 -1.03
C ARG A 94 -2.04 24.27 -2.00
N GLY A 95 -3.09 24.53 -2.77
CA GLY A 95 -3.09 25.65 -3.70
C GLY A 95 -2.35 25.38 -4.99
N VAL A 96 -2.35 24.12 -5.41
CA VAL A 96 -1.66 23.80 -6.63
C VAL A 96 -2.66 23.85 -7.77
N ASP A 97 -2.38 24.73 -8.73
CA ASP A 97 -3.23 24.90 -9.89
C ASP A 97 -3.14 23.61 -10.67
N VAL A 98 -4.27 22.94 -10.78
CA VAL A 98 -4.33 21.63 -11.42
C VAL A 98 -5.04 21.71 -12.76
N SER A 99 -5.28 22.93 -13.24
CA SER A 99 -6.08 23.12 -14.45
C SER A 99 -5.32 22.71 -15.72
N GLN A 100 -3.99 22.58 -15.62
CA GLN A 100 -3.22 22.21 -16.81
C GLN A 100 -3.15 20.69 -16.95
N VAL A 101 -3.73 20.00 -15.99
CA VAL A 101 -3.69 18.55 -15.95
C VAL A 101 -4.23 17.90 -17.24
N ALA A 102 -3.57 16.83 -17.68
CA ALA A 102 -3.94 16.13 -18.90
C ALA A 102 -4.67 14.83 -18.60
N TRP A 103 -5.98 14.92 -18.33
CA TRP A 103 -6.77 13.73 -17.98
C TRP A 103 -6.78 12.62 -19.02
N GLN A 104 -6.59 11.39 -18.56
CA GLN A 104 -6.74 10.24 -19.42
C GLN A 104 -8.09 9.58 -19.18
N SER A 105 -8.43 8.64 -20.06
CA SER A 105 -9.55 7.73 -19.82
C SER A 105 -9.12 6.39 -20.37
N LYS A 106 -8.08 5.85 -19.74
CA LYS A 106 -7.40 4.66 -20.23
C LYS A 106 -6.23 4.39 -19.29
N GLY A 107 -6.29 3.27 -18.57
CA GLY A 107 -5.30 2.99 -17.54
C GLY A 107 -5.71 3.58 -16.20
N ASP A 108 -4.94 3.28 -15.16
CA ASP A 108 -5.25 3.76 -13.81
C ASP A 108 -4.10 4.56 -13.22
N THR A 109 -4.40 5.32 -12.17
CA THR A 109 -3.40 6.08 -11.43
C THR A 109 -2.25 5.20 -10.94
N PRO A 110 -1.01 5.58 -11.27
CA PRO A 110 0.14 4.82 -10.76
C PRO A 110 0.14 4.85 -9.25
N SER A 111 1.00 4.03 -8.65
CA SER A 111 1.10 3.97 -7.22
C SER A 111 2.30 3.11 -6.94
N SER A 112 2.94 3.36 -5.80
CA SER A 112 4.12 2.61 -5.42
C SER A 112 4.08 2.28 -3.95
N CYS A 113 4.83 1.26 -3.57
CA CYS A 113 5.04 0.96 -2.17
C CYS A 113 6.30 1.64 -1.71
N CYS A 114 6.21 2.34 -0.60
CA CYS A 114 7.32 3.12 -0.12
C CYS A 114 7.65 2.66 1.27
N ILE A 115 8.68 1.85 1.38
CA ILE A 115 9.23 1.45 2.67
C ILE A 115 10.24 2.48 3.14
N ILE A 116 9.85 3.29 4.13
CA ILE A 116 10.73 4.29 4.73
C ILE A 116 11.30 3.73 6.02
N ASN A 117 12.62 3.64 6.09
CA ASN A 117 13.29 3.05 7.24
C ASN A 117 13.49 4.12 8.29
N ASN A 118 12.82 3.97 9.44
CA ASN A 118 12.83 5.01 10.46
C ASN A 118 14.16 5.23 11.18
N SER A 119 15.12 4.34 10.97
CA SER A 119 16.44 4.48 11.58
C SER A 119 17.51 4.86 10.55
N ASN A 120 17.23 5.84 9.70
CA ASN A 120 18.18 6.34 8.70
C ASN A 120 17.47 7.02 7.51
N GLY A 121 16.16 7.12 7.60
CA GLY A 121 15.35 7.80 6.60
C GLY A 121 15.52 7.31 5.18
N ASN A 122 16.07 6.11 5.03
CA ASN A 122 16.17 5.46 3.73
C ASN A 122 14.78 5.16 3.18
N ARG A 123 14.58 5.42 1.90
CA ARG A 123 13.27 5.18 1.34
C ARG A 123 13.44 4.27 0.16
N THR A 124 12.82 3.10 0.26
CA THR A 124 12.86 2.11 -0.80
C THR A 124 11.52 2.11 -1.54
N ILE A 125 11.57 2.20 -2.86
CA ILE A 125 10.35 2.31 -3.66
C ILE A 125 10.16 1.19 -4.68
N VAL A 126 8.98 0.55 -4.61
CA VAL A 126 8.49 -0.34 -5.64
C VAL A 126 7.35 0.35 -6.36
N LEU A 127 7.61 0.82 -7.57
CA LEU A 127 6.63 1.58 -8.34
C LEU A 127 5.79 0.72 -9.29
N HIS A 128 4.48 0.94 -9.29
CA HIS A 128 3.61 0.31 -10.28
C HIS A 128 3.33 1.34 -11.38
N ASP A 129 4.04 1.21 -12.49
CA ASP A 129 3.77 2.05 -13.66
C ASP A 129 2.64 1.43 -14.48
N THR A 130 1.71 2.27 -14.94
CA THR A 130 0.42 1.78 -15.39
C THR A 130 0.08 2.09 -16.86
N SER A 131 1.10 2.14 -17.72
CA SER A 131 0.88 2.53 -19.12
C SER A 131 0.53 4.02 -19.22
N LEU A 132 -0.69 4.35 -18.74
CA LEU A 132 -1.23 5.71 -18.69
C LEU A 132 -0.39 6.67 -19.50
N PRO A 133 -0.92 7.10 -20.65
CA PRO A 133 -0.15 7.89 -21.62
C PRO A 133 0.58 9.05 -20.93
N ASP A 134 1.77 9.39 -21.40
CA ASP A 134 2.49 10.55 -20.90
C ASP A 134 1.91 11.81 -21.50
N VAL A 135 2.05 12.95 -20.81
CA VAL A 135 1.65 14.22 -21.42
C VAL A 135 2.49 14.45 -22.67
N SER A 136 1.84 14.83 -23.78
CA SER A 136 2.51 14.94 -25.07
C SER A 136 2.68 16.38 -25.53
N ALA A 137 3.66 16.60 -26.40
CA ALA A 137 3.89 17.92 -26.98
C ALA A 137 2.59 18.58 -27.40
N THR A 138 1.64 17.76 -27.87
CA THR A 138 0.30 18.24 -28.20
C THR A 138 -0.41 18.76 -26.96
N ASP A 139 -0.47 17.91 -25.93
CA ASP A 139 -1.11 18.28 -24.68
C ASP A 139 -0.49 19.58 -24.26
N PHE A 140 0.81 19.70 -24.56
CA PHE A 140 1.56 20.85 -24.10
C PHE A 140 1.35 22.04 -25.03
N GLU A 141 1.29 21.74 -26.34
CA GLU A 141 1.10 22.73 -27.38
C GLU A 141 0.01 23.73 -27.02
N LYS A 142 -0.91 23.30 -26.17
CA LYS A 142 -2.09 24.11 -25.86
C LYS A 142 -2.04 24.78 -24.49
N VAL A 143 -0.85 25.07 -23.97
CA VAL A 143 -0.78 25.71 -22.67
C VAL A 143 -0.41 27.20 -22.78
N ASP A 144 -1.09 28.02 -21.96
CA ASP A 144 -0.88 29.46 -21.97
C ASP A 144 0.40 29.87 -21.26
N LEU A 145 1.49 29.98 -22.02
CA LEU A 145 2.81 30.19 -21.43
C LEU A 145 2.97 31.53 -20.75
N THR A 146 1.97 32.41 -20.88
CA THR A 146 2.11 33.75 -20.32
C THR A 146 2.14 33.76 -18.80
N GLN A 147 1.28 32.96 -18.19
CA GLN A 147 1.13 32.96 -16.73
C GLN A 147 2.30 32.39 -15.92
N PHE A 148 3.32 31.86 -16.60
CA PHE A 148 4.43 31.17 -15.95
C PHE A 148 5.77 31.91 -16.04
N LYS A 149 6.36 32.20 -14.89
CA LYS A 149 7.70 32.79 -14.83
C LYS A 149 8.77 31.72 -14.97
N TRP A 150 8.44 30.51 -14.54
CA TRP A 150 9.38 29.40 -14.59
C TRP A 150 8.64 28.12 -15.04
N ILE A 151 9.32 27.29 -15.81
CA ILE A 151 8.79 25.96 -16.14
C ILE A 151 9.81 24.86 -15.87
N HIS A 152 9.43 23.91 -15.00
CA HIS A 152 10.29 22.77 -14.70
C HIS A 152 9.76 21.45 -15.29
N ILE A 153 10.62 20.73 -15.99
CA ILE A 153 10.25 19.47 -16.62
C ILE A 153 10.99 18.28 -16.04
N GLU A 154 10.24 17.30 -15.56
CA GLU A 154 10.78 16.02 -15.09
C GLU A 154 11.01 15.06 -16.27
N GLY A 155 12.28 14.78 -16.56
CA GLY A 155 12.66 13.81 -17.58
C GLY A 155 11.89 12.49 -17.57
N ARG A 156 11.23 12.20 -18.69
CA ARG A 156 10.28 11.09 -18.77
C ARG A 156 10.26 10.55 -20.20
N ASN A 157 9.36 11.14 -21.00
CA ASN A 157 9.29 10.93 -22.46
C ASN A 157 10.13 11.97 -23.23
N ALA A 158 11.42 11.68 -23.36
CA ALA A 158 12.40 12.65 -23.85
C ALA A 158 12.03 13.32 -25.17
N SER A 159 11.88 12.50 -26.21
CA SER A 159 11.55 12.99 -27.56
C SER A 159 10.29 13.86 -27.61
N GLU A 160 9.25 13.45 -26.88
CA GLU A 160 8.00 14.20 -26.85
C GLU A 160 8.16 15.48 -26.05
N GLN A 161 9.08 15.46 -25.09
CA GLN A 161 9.33 16.61 -24.24
C GLN A 161 10.21 17.63 -24.96
N VAL A 162 11.19 17.14 -25.71
CA VAL A 162 12.08 18.03 -26.44
C VAL A 162 11.25 18.99 -27.31
N LYS A 163 10.13 18.52 -27.83
CA LYS A 163 9.22 19.38 -28.55
C LYS A 163 8.63 20.47 -27.65
N MET A 164 8.13 20.04 -26.49
CA MET A 164 7.67 20.97 -25.46
C MET A 164 8.74 22.04 -25.20
N LEU A 165 9.99 21.60 -25.07
CA LEU A 165 11.08 22.50 -24.73
C LEU A 165 11.30 23.52 -25.83
N GLN A 166 11.40 23.04 -27.07
CA GLN A 166 11.56 23.92 -28.22
C GLN A 166 10.42 24.92 -28.32
N ARG A 167 9.22 24.49 -27.93
CA ARG A 167 8.08 25.41 -27.93
C ARG A 167 8.35 26.63 -27.04
N ILE A 168 9.03 26.40 -25.93
CA ILE A 168 9.33 27.50 -25.01
C ILE A 168 10.40 28.45 -25.58
N ASP A 169 11.59 27.92 -25.87
CA ASP A 169 12.65 28.71 -26.52
C ASP A 169 12.11 29.71 -27.53
N ALA A 170 11.35 29.16 -28.48
CA ALA A 170 10.65 29.92 -29.51
C ALA A 170 9.89 31.08 -28.89
N HIS A 171 9.03 30.75 -27.93
CA HIS A 171 8.24 31.75 -27.21
C HIS A 171 9.15 32.79 -26.56
N ASN A 172 10.30 32.35 -26.05
CA ASN A 172 11.26 33.24 -25.43
C ASN A 172 11.73 34.29 -26.42
N THR A 173 12.15 33.84 -27.60
CA THR A 173 12.71 34.72 -28.62
C THR A 173 11.69 35.72 -29.18
N ARG A 174 10.53 35.84 -28.54
CA ARG A 174 9.54 36.85 -28.92
C ARG A 174 9.38 37.92 -27.82
N GLN A 175 9.97 37.67 -26.66
CA GLN A 175 9.76 38.53 -25.49
C GLN A 175 11.05 39.20 -25.05
N PRO A 176 10.93 40.36 -24.37
CA PRO A 176 12.09 41.10 -23.87
C PRO A 176 12.92 40.22 -22.95
N PRO A 177 14.24 40.40 -22.93
CA PRO A 177 15.05 39.66 -21.96
C PRO A 177 14.42 39.69 -20.55
N GLU A 178 13.65 40.73 -20.28
CA GLU A 178 13.05 40.91 -18.97
C GLU A 178 11.63 40.37 -18.91
N GLN A 179 11.35 39.36 -19.75
CA GLN A 179 10.01 38.77 -19.82
C GLN A 179 10.06 37.30 -20.18
N LYS A 180 11.28 36.76 -20.25
CA LYS A 180 11.47 35.36 -20.64
C LYS A 180 11.05 34.37 -19.55
N ILE A 181 10.79 33.15 -19.98
CA ILE A 181 10.40 32.08 -19.07
C ILE A 181 11.61 31.22 -18.77
N ARG A 182 12.07 31.22 -17.51
CA ARG A 182 13.23 30.41 -17.15
C ARG A 182 12.79 28.95 -17.15
N VAL A 183 13.67 28.07 -17.61
CA VAL A 183 13.33 26.67 -17.77
C VAL A 183 14.33 25.79 -17.04
N SER A 184 13.84 24.86 -16.23
CA SER A 184 14.71 23.89 -15.59
C SER A 184 14.30 22.49 -15.99
N VAL A 185 15.24 21.56 -15.83
CA VAL A 185 15.11 20.19 -16.31
C VAL A 185 15.79 19.13 -15.43
N GLU A 186 15.00 18.20 -14.90
CA GLU A 186 15.53 17.09 -14.12
C GLU A 186 15.86 15.90 -15.02
N VAL A 187 16.99 15.25 -14.75
CA VAL A 187 17.35 13.98 -15.40
C VAL A 187 17.67 12.96 -14.29
N GLU A 188 16.66 12.25 -13.81
CA GLU A 188 16.78 11.51 -12.55
C GLU A 188 17.08 10.03 -12.73
N LYS A 189 16.48 9.41 -13.74
CA LYS A 189 16.67 8.00 -13.98
C LYS A 189 17.75 7.84 -15.04
N PRO A 190 18.55 6.77 -14.96
CA PRO A 190 19.65 6.56 -15.91
C PRO A 190 19.20 5.91 -17.24
N ARG A 191 18.43 6.63 -18.04
CA ARG A 191 17.91 6.10 -19.31
C ARG A 191 18.45 6.91 -20.50
N GLU A 192 19.15 6.21 -21.41
CA GLU A 192 19.69 6.79 -22.63
C GLU A 192 18.80 7.87 -23.27
N GLU A 193 17.50 7.56 -23.41
CA GLU A 193 16.53 8.43 -24.07
C GLU A 193 16.61 9.86 -23.53
N LEU A 194 16.97 9.98 -22.25
CA LEU A 194 16.90 11.26 -21.52
C LEU A 194 18.13 12.16 -21.65
N PHE A 195 19.29 11.59 -22.01
CA PHE A 195 20.53 12.36 -22.07
C PHE A 195 20.50 13.51 -23.05
N GLN A 196 19.51 13.52 -23.94
CA GLN A 196 19.36 14.59 -24.90
C GLN A 196 18.76 15.82 -24.22
N LEU A 197 18.16 15.59 -23.06
CA LEU A 197 17.49 16.65 -22.31
C LEU A 197 18.46 17.63 -21.63
N PHE A 198 19.77 17.33 -21.66
CA PHE A 198 20.77 18.21 -21.07
C PHE A 198 20.84 19.52 -21.86
N GLY A 199 20.60 19.42 -23.16
CA GLY A 199 20.83 20.54 -24.04
C GLY A 199 19.74 21.59 -23.94
N TYR A 200 18.95 21.52 -22.89
CA TYR A 200 17.84 22.46 -22.74
C TYR A 200 17.77 23.05 -21.34
N GLY A 201 16.98 24.09 -21.20
CA GLY A 201 16.79 24.74 -19.91
C GLY A 201 17.99 25.55 -19.45
N ASP A 202 17.69 26.60 -18.69
CA ASP A 202 18.71 27.45 -18.12
C ASP A 202 19.41 26.72 -16.98
N VAL A 203 18.66 25.90 -16.25
CA VAL A 203 19.22 25.07 -15.17
C VAL A 203 18.94 23.60 -15.40
N VAL A 204 19.94 22.76 -15.20
CA VAL A 204 19.78 21.32 -15.41
C VAL A 204 20.19 20.51 -14.18
N PHE A 205 19.27 19.72 -13.63
CA PHE A 205 19.56 18.86 -12.47
C PHE A 205 19.89 17.43 -12.88
N VAL A 206 21.10 16.96 -12.59
CA VAL A 206 21.46 15.55 -12.81
C VAL A 206 21.71 14.84 -11.48
N SER A 207 21.07 13.70 -11.28
CA SER A 207 21.10 13.04 -9.97
C SER A 207 22.40 12.31 -9.75
N LYS A 208 22.67 11.97 -8.50
CA LYS A 208 23.88 11.24 -8.13
C LYS A 208 23.83 9.88 -8.78
N ASP A 209 22.65 9.28 -8.72
CA ASP A 209 22.38 7.97 -9.26
C ASP A 209 22.77 7.92 -10.75
N VAL A 210 22.40 8.98 -11.48
CA VAL A 210 22.76 9.12 -12.89
C VAL A 210 24.25 9.29 -13.01
N ALA A 211 24.81 10.12 -12.15
CA ALA A 211 26.22 10.45 -12.20
C ALA A 211 27.07 9.20 -12.07
N LYS A 212 26.77 8.36 -11.08
CA LYS A 212 27.54 7.13 -10.87
C LYS A 212 27.50 6.24 -12.12
N HIS A 213 26.28 5.81 -12.48
CA HIS A 213 26.04 4.95 -13.65
C HIS A 213 26.82 5.34 -14.89
N LEU A 214 27.22 6.61 -14.97
CA LEU A 214 27.93 7.11 -16.14
C LEU A 214 29.44 7.26 -15.87
N GLY A 215 29.91 6.72 -14.74
CA GLY A 215 31.33 6.63 -14.43
C GLY A 215 31.98 7.62 -13.46
N PHE A 216 31.19 8.41 -12.74
CA PHE A 216 31.72 9.47 -11.88
C PHE A 216 31.61 9.17 -10.36
N GLN A 217 32.61 9.60 -9.60
CA GLN A 217 32.67 9.24 -8.18
C GLN A 217 32.21 10.34 -7.22
N SER A 218 32.18 11.58 -7.71
CA SER A 218 31.80 12.72 -6.89
C SER A 218 30.95 13.64 -7.75
N ALA A 219 30.31 14.64 -7.13
CA ALA A 219 29.54 15.61 -7.89
C ALA A 219 30.44 16.59 -8.63
N GLU A 220 31.57 16.91 -8.03
CA GLU A 220 32.57 17.76 -8.67
C GLU A 220 33.03 17.15 -9.99
N GLU A 221 33.36 15.86 -9.93
CA GLU A 221 33.78 15.11 -11.11
C GLU A 221 32.66 15.11 -12.16
N ALA A 222 31.49 14.64 -11.76
CA ALA A 222 30.33 14.65 -12.62
C ALA A 222 30.19 15.98 -13.35
N LEU A 223 30.05 17.06 -12.60
CA LEU A 223 29.92 18.39 -13.18
C LEU A 223 30.95 18.71 -14.29
N ARG A 224 32.21 18.34 -14.04
CA ARG A 224 33.27 18.49 -15.03
C ARG A 224 33.04 17.63 -16.28
N GLY A 225 32.61 16.38 -16.06
CA GLY A 225 32.36 15.45 -17.15
C GLY A 225 31.18 15.79 -18.05
N LEU A 226 30.12 16.31 -17.45
CA LEU A 226 28.83 16.48 -18.13
C LEU A 226 28.57 17.90 -18.60
N TYR A 227 29.48 18.82 -18.32
CA TYR A 227 29.18 20.20 -18.70
C TYR A 227 29.15 20.38 -20.21
N GLY A 228 29.89 19.53 -20.94
CA GLY A 228 29.84 19.52 -22.38
C GLY A 228 28.42 19.46 -22.92
N ARG A 229 27.57 18.68 -22.26
CA ARG A 229 26.26 18.35 -22.81
C ARG A 229 25.16 19.37 -22.57
N VAL A 230 25.46 20.48 -21.89
CA VAL A 230 24.40 21.44 -21.59
C VAL A 230 24.42 22.64 -22.51
N ARG A 231 23.26 23.29 -22.62
CA ARG A 231 23.10 24.49 -23.44
C ARG A 231 24.11 25.57 -23.02
N LYS A 232 24.38 26.51 -23.93
CA LYS A 232 25.30 27.62 -23.62
C LYS A 232 24.65 28.57 -22.63
N GLY A 233 25.35 28.83 -21.52
CA GLY A 233 24.84 29.71 -20.47
C GLY A 233 24.07 29.00 -19.38
N ALA A 234 24.08 27.67 -19.41
CA ALA A 234 23.30 26.83 -18.50
C ALA A 234 24.08 26.55 -17.24
N VAL A 235 23.35 26.27 -16.16
CA VAL A 235 23.95 25.90 -14.90
C VAL A 235 23.68 24.42 -14.65
N LEU A 236 24.73 23.65 -14.42
CA LEU A 236 24.55 22.23 -14.15
C LEU A 236 24.55 21.96 -12.63
N VAL A 237 23.44 21.42 -12.12
CA VAL A 237 23.34 21.15 -10.68
C VAL A 237 23.38 19.63 -10.40
N CYS A 238 24.11 19.25 -9.36
CA CYS A 238 24.19 17.86 -8.99
C CYS A 238 24.36 17.71 -7.49
N ALA A 239 23.31 17.26 -6.83
CA ALA A 239 23.38 16.98 -5.40
C ALA A 239 24.00 15.60 -5.14
N TRP A 240 24.49 15.37 -3.93
CA TRP A 240 25.13 14.11 -3.61
C TRP A 240 24.79 13.67 -2.18
N ALA A 241 23.52 13.82 -1.82
CA ALA A 241 23.05 13.41 -0.50
C ALA A 241 23.80 14.09 0.64
N GLU A 242 24.17 13.30 1.65
CA GLU A 242 24.82 13.81 2.83
C GLU A 242 26.10 14.56 2.46
N GLU A 243 26.56 14.36 1.23
CA GLU A 243 27.77 15.03 0.76
C GLU A 243 27.54 16.49 0.41
N GLY A 244 26.29 16.91 0.37
CA GLY A 244 25.95 18.25 -0.11
C GLY A 244 25.60 18.28 -1.59
N ALA A 245 25.78 19.43 -2.24
CA ALA A 245 25.48 19.57 -3.65
C ALA A 245 26.43 20.57 -4.27
N ASP A 246 26.64 20.44 -5.58
CA ASP A 246 27.58 21.29 -6.34
C ASP A 246 26.89 21.88 -7.57
N ALA A 247 27.47 22.95 -8.12
CA ALA A 247 26.93 23.57 -9.33
C ALA A 247 28.05 23.93 -10.31
N LEU A 248 27.68 24.28 -11.54
CA LEU A 248 28.66 24.68 -12.54
C LEU A 248 28.02 25.62 -13.57
N GLY A 249 28.60 26.81 -13.69
CA GLY A 249 28.09 27.79 -14.64
C GLY A 249 28.96 28.05 -15.86
N PRO A 250 28.53 29.01 -16.68
CA PRO A 250 29.33 29.47 -17.82
C PRO A 250 30.71 29.91 -17.35
N ASP A 251 30.81 30.44 -16.12
CA ASP A 251 32.04 31.08 -15.64
C ASP A 251 33.17 30.09 -15.37
N GLY A 252 32.83 28.82 -15.29
CA GLY A 252 33.83 27.78 -15.12
C GLY A 252 34.16 27.50 -13.67
N LYS A 253 33.51 28.22 -12.76
CA LYS A 253 33.79 28.06 -11.33
C LYS A 253 32.85 27.08 -10.64
N LEU A 254 33.42 26.01 -10.09
CA LEU A 254 32.66 25.02 -9.36
C LEU A 254 32.13 25.67 -8.08
N LEU A 255 30.84 25.52 -7.84
CA LEU A 255 30.25 26.01 -6.61
C LEU A 255 29.90 24.83 -5.70
N HIS A 256 30.10 24.99 -4.40
CA HIS A 256 29.70 23.93 -3.50
C HIS A 256 28.89 24.39 -2.26
N SER A 257 28.07 23.49 -1.74
CA SER A 257 27.34 23.76 -0.51
C SER A 257 27.29 22.51 0.33
N ASP A 258 27.63 22.62 1.61
CA ASP A 258 27.53 21.47 2.48
C ASP A 258 26.07 21.11 2.68
N ALA A 259 25.82 19.87 3.07
CA ALA A 259 24.49 19.44 3.49
C ALA A 259 24.09 20.13 4.78
N PHE A 260 22.79 20.17 5.05
CA PHE A 260 22.28 20.53 6.37
C PHE A 260 21.61 19.28 6.97
N PRO A 261 22.40 18.30 7.43
CA PRO A 261 21.75 17.12 8.02
C PRO A 261 21.00 17.42 9.30
N PRO A 262 19.78 16.88 9.44
CA PRO A 262 19.08 16.94 10.72
C PRO A 262 19.78 15.99 11.68
N PRO A 263 19.59 16.15 12.98
CA PRO A 263 20.24 15.23 13.91
C PRO A 263 19.69 13.80 13.80
N ARG A 264 18.40 13.67 13.47
CA ARG A 264 17.83 12.36 13.12
C ARG A 264 17.21 12.31 11.73
N VAL A 265 17.95 11.77 10.77
CA VAL A 265 17.36 11.47 9.47
C VAL A 265 16.29 10.38 9.60
N VAL A 266 15.02 10.74 9.35
CA VAL A 266 13.91 9.82 9.57
C VAL A 266 12.98 9.55 8.36
N ASP A 267 13.18 10.29 7.26
CA ASP A 267 12.40 10.11 6.02
C ASP A 267 12.94 10.92 4.84
N THR A 268 13.55 10.26 3.86
CA THR A 268 14.16 10.97 2.72
C THR A 268 13.32 10.93 1.45
N LEU A 269 12.08 10.46 1.55
CA LEU A 269 11.22 10.34 0.39
C LEU A 269 10.85 11.75 -0.08
N GLY A 270 11.38 12.14 -1.23
CA GLY A 270 11.10 13.49 -1.72
C GLY A 270 12.15 14.53 -1.33
N ALA A 271 13.22 14.12 -0.66
CA ALA A 271 14.31 15.05 -0.39
C ALA A 271 14.79 15.73 -1.66
N GLY A 272 15.20 14.94 -2.64
CA GLY A 272 15.64 15.49 -3.91
C GLY A 272 14.59 16.34 -4.61
N ASP A 273 13.32 15.93 -4.51
CA ASP A 273 12.24 16.71 -5.12
C ASP A 273 12.17 18.04 -4.37
N THR A 274 12.43 17.98 -3.06
CA THR A 274 12.54 19.17 -2.24
C THR A 274 13.77 20.03 -2.59
N PHE A 275 14.91 19.39 -2.81
CA PHE A 275 16.09 20.12 -3.20
C PHE A 275 15.83 20.94 -4.48
N ASN A 276 15.28 20.27 -5.50
CA ASN A 276 15.03 20.92 -6.78
C ASN A 276 14.04 22.09 -6.65
N ALA A 277 12.97 21.88 -5.90
CA ALA A 277 11.96 22.90 -5.72
C ALA A 277 12.59 24.13 -5.10
N SER A 278 13.29 23.93 -4.01
CA SER A 278 13.93 25.04 -3.32
C SER A 278 14.99 25.75 -4.15
N VAL A 279 15.76 25.02 -4.96
CA VAL A 279 16.74 25.66 -5.83
C VAL A 279 16.04 26.53 -6.86
N ILE A 280 15.03 25.96 -7.51
CA ILE A 280 14.21 26.71 -8.43
C ILE A 280 13.62 27.94 -7.72
N PHE A 281 13.05 27.73 -6.55
CA PHE A 281 12.41 28.83 -5.86
C PHE A 281 13.39 29.96 -5.63
N SER A 282 14.52 29.60 -5.06
CA SER A 282 15.55 30.58 -4.72
C SER A 282 16.02 31.30 -5.97
N LEU A 283 16.20 30.57 -7.07
CA LEU A 283 16.68 31.21 -8.28
C LEU A 283 15.61 32.13 -8.86
N SER A 284 14.36 31.70 -8.81
CA SER A 284 13.26 32.50 -9.35
C SER A 284 13.02 33.80 -8.54
N GLN A 285 13.63 33.89 -7.37
CA GLN A 285 13.48 35.05 -6.50
C GLN A 285 14.65 35.99 -6.62
N GLY A 286 15.49 35.80 -7.63
CA GLY A 286 16.62 36.68 -7.83
C GLY A 286 17.95 36.25 -7.22
N ARG A 287 17.92 35.42 -6.19
CA ARG A 287 19.16 35.04 -5.48
C ARG A 287 20.18 34.34 -6.38
N SER A 288 21.44 34.32 -5.95
CA SER A 288 22.53 33.76 -6.75
C SER A 288 22.59 32.24 -6.69
N VAL A 289 23.31 31.62 -7.63
CA VAL A 289 23.45 30.16 -7.66
C VAL A 289 24.09 29.59 -6.39
N GLN A 290 25.16 30.24 -5.93
CA GLN A 290 25.71 29.88 -4.63
C GLN A 290 24.61 29.90 -3.56
N GLU A 291 23.79 30.94 -3.58
CA GLU A 291 22.77 31.10 -2.57
C GLU A 291 21.63 30.09 -2.73
N ALA A 292 21.27 29.77 -3.97
CA ALA A 292 20.18 28.84 -4.20
C ALA A 292 20.63 27.41 -3.92
N LEU A 293 21.87 27.10 -4.26
CA LEU A 293 22.47 25.79 -3.99
C LEU A 293 22.38 25.55 -2.50
N ARG A 294 22.87 26.56 -1.78
CA ARG A 294 22.94 26.58 -0.35
C ARG A 294 21.55 26.42 0.26
N PHE A 295 20.57 27.11 -0.33
CA PHE A 295 19.19 27.08 0.16
C PHE A 295 18.56 25.75 -0.11
N GLY A 296 18.80 25.21 -1.31
CA GLY A 296 18.41 23.86 -1.65
C GLY A 296 18.81 22.84 -0.59
N CYS A 297 20.09 22.80 -0.22
CA CYS A 297 20.52 21.83 0.77
C CYS A 297 19.82 22.15 2.09
N GLN A 298 19.67 23.44 2.38
CA GLN A 298 19.08 23.84 3.65
C GLN A 298 17.70 23.25 3.87
N VAL A 299 16.87 23.34 2.83
CA VAL A 299 15.47 22.94 2.95
C VAL A 299 15.35 21.43 2.87
N ALA A 300 16.05 20.81 1.93
CA ALA A 300 16.07 19.35 1.82
C ALA A 300 16.50 18.68 3.13
N GLY A 301 17.56 19.22 3.74
CA GLY A 301 18.08 18.71 5.00
C GLY A 301 17.01 18.75 6.07
N LYS A 302 16.33 19.89 6.16
CA LYS A 302 15.22 20.06 7.07
C LYS A 302 14.14 19.01 6.82
N LYS A 303 13.82 18.75 5.55
CA LYS A 303 12.82 17.73 5.21
C LYS A 303 13.16 16.34 5.75
N CYS A 304 14.42 15.91 5.61
CA CYS A 304 14.87 14.57 6.05
C CYS A 304 14.68 14.35 7.56
N GLY A 305 14.40 15.43 8.28
CA GLY A 305 14.17 15.35 9.72
C GLY A 305 12.69 15.21 10.07
N LEU A 306 11.83 15.26 9.06
CA LEU A 306 10.40 15.23 9.26
C LEU A 306 9.72 14.10 8.50
N GLN A 307 8.60 13.62 8.99
CA GLN A 307 7.76 12.75 8.17
C GLN A 307 6.96 13.60 7.18
N GLY A 308 7.13 13.33 5.89
CA GLY A 308 6.41 14.07 4.88
C GLY A 308 7.00 15.44 4.61
N PHE A 309 6.13 16.44 4.44
CA PHE A 309 6.59 17.76 4.01
C PHE A 309 6.14 18.89 4.94
N ASP A 310 4.99 18.71 5.59
CA ASP A 310 4.52 19.67 6.57
C ASP A 310 5.62 20.10 7.52
N GLY A 311 5.86 21.39 7.64
CA GLY A 311 6.73 21.86 8.69
C GLY A 311 8.16 22.09 8.25
N ILE A 312 8.43 21.96 6.96
CA ILE A 312 9.74 22.34 6.47
C ILE A 312 9.86 23.86 6.52
N VAL A 313 8.79 24.49 6.95
CA VAL A 313 8.77 25.94 7.23
C VAL A 313 7.94 26.25 8.48
N GLY B 13 -30.85 -2.09 4.98
CA GLY B 13 -32.18 -2.61 4.73
C GLY B 13 -32.58 -3.79 5.63
N LEU B 14 -33.85 -4.16 5.56
CA LEU B 14 -34.42 -5.25 6.37
C LEU B 14 -33.76 -6.60 6.11
N VAL B 15 -33.39 -7.29 7.18
CA VAL B 15 -32.72 -8.59 7.13
C VAL B 15 -33.53 -9.60 7.93
N PRO B 16 -34.02 -10.66 7.27
CA PRO B 16 -34.87 -11.58 8.01
C PRO B 16 -34.20 -12.17 9.26
N ARG B 17 -34.97 -12.29 10.34
CA ARG B 17 -34.48 -12.92 11.57
C ARG B 17 -33.84 -14.29 11.27
N GLY B 18 -32.66 -14.51 11.83
CA GLY B 18 -31.97 -15.78 11.80
C GLY B 18 -31.58 -16.25 10.42
N SER B 19 -31.07 -15.34 9.61
CA SER B 19 -30.75 -15.66 8.21
C SER B 19 -29.25 -15.51 7.86
N GLN B 20 -28.56 -14.65 8.61
CA GLN B 20 -27.17 -14.32 8.30
C GLN B 20 -26.19 -15.15 9.12
N ILE B 21 -24.99 -15.28 8.55
CA ILE B 21 -23.83 -15.85 9.18
C ILE B 21 -22.84 -14.69 9.35
N LEU B 22 -22.35 -14.48 10.55
CA LEU B 22 -21.55 -13.31 10.84
C LEU B 22 -20.14 -13.78 11.11
N CYS B 23 -19.16 -13.12 10.51
CA CYS B 23 -17.78 -13.43 10.87
C CYS B 23 -17.16 -12.21 11.51
N VAL B 24 -16.46 -12.42 12.63
CA VAL B 24 -15.86 -11.32 13.39
C VAL B 24 -14.37 -11.50 13.39
N GLY B 25 -13.65 -10.53 12.83
CA GLY B 25 -12.20 -10.59 12.78
C GLY B 25 -11.60 -9.43 12.01
N LEU B 26 -10.44 -9.69 11.39
CA LEU B 26 -9.65 -8.70 10.69
C LEU B 26 -10.07 -8.49 9.22
N VAL B 27 -9.93 -7.26 8.74
CA VAL B 27 -9.98 -7.02 7.32
C VAL B 27 -8.74 -6.20 7.09
N VAL B 28 -8.15 -6.29 5.91
CA VAL B 28 -6.91 -5.58 5.67
C VAL B 28 -6.75 -5.44 4.17
N LEU B 29 -6.02 -4.43 3.75
CA LEU B 29 -5.72 -4.22 2.36
C LEU B 29 -4.30 -4.74 2.13
N ASP B 30 -4.16 -5.79 1.32
CA ASP B 30 -2.84 -6.25 0.93
C ASP B 30 -2.48 -5.64 -0.41
N VAL B 31 -1.37 -4.89 -0.45
CA VAL B 31 -0.87 -4.43 -1.72
C VAL B 31 0.16 -5.47 -2.07
N ILE B 32 0.15 -5.96 -3.31
CA ILE B 32 1.03 -7.08 -3.72
C ILE B 32 1.80 -6.84 -5.01
N SER B 33 3.11 -6.70 -4.90
CA SER B 33 3.96 -6.35 -6.03
C SER B 33 4.83 -7.52 -6.42
N LEU B 34 4.90 -7.80 -7.72
CA LEU B 34 5.72 -8.90 -8.20
C LEU B 34 7.01 -8.33 -8.79
N VAL B 35 8.15 -8.79 -8.30
CA VAL B 35 9.43 -8.21 -8.73
C VAL B 35 10.45 -9.20 -9.31
N ASP B 36 11.31 -8.69 -10.20
CA ASP B 36 12.41 -9.45 -10.78
C ASP B 36 13.35 -9.96 -9.70
N LYS B 37 14.02 -9.02 -9.04
CA LYS B 37 14.81 -9.33 -7.86
C LYS B 37 14.34 -8.47 -6.70
N TYR B 38 14.63 -8.91 -5.48
CA TYR B 38 14.31 -8.15 -4.29
C TYR B 38 15.12 -6.85 -4.26
N PRO B 39 14.45 -5.71 -4.05
CA PRO B 39 15.04 -4.36 -4.16
C PRO B 39 16.08 -4.10 -3.08
N LYS B 40 17.25 -3.58 -3.45
CA LYS B 40 18.24 -3.20 -2.45
C LYS B 40 17.74 -1.98 -1.71
N GLU B 41 17.88 -1.96 -0.39
CA GLU B 41 17.39 -0.83 0.40
C GLU B 41 17.80 0.49 -0.24
N ASP B 42 16.85 1.43 -0.28
CA ASP B 42 17.09 2.78 -0.78
C ASP B 42 17.10 2.94 -2.30
N SER B 43 16.45 2.02 -3.02
CA SER B 43 16.36 2.12 -4.49
C SER B 43 14.93 2.34 -5.00
N GLU B 44 14.83 2.74 -6.27
CA GLU B 44 13.54 2.97 -6.91
C GLU B 44 13.40 1.97 -8.05
N ILE B 45 12.48 1.01 -7.90
CA ILE B 45 12.29 -0.02 -8.94
C ILE B 45 10.85 -0.13 -9.45
N ARG B 46 10.67 -0.81 -10.58
CA ARG B 46 9.33 -1.08 -11.10
C ARG B 46 8.97 -2.52 -10.81
N CYS B 47 7.70 -2.77 -10.57
CA CYS B 47 7.28 -4.14 -10.38
C CYS B 47 6.79 -4.65 -11.72
N LEU B 48 6.55 -5.95 -11.79
CA LEU B 48 6.02 -6.59 -12.99
C LEU B 48 4.51 -6.46 -13.00
N SER B 49 3.89 -6.71 -11.86
CA SER B 49 2.46 -6.46 -11.67
C SER B 49 2.14 -6.06 -10.22
N GLN B 50 1.02 -5.37 -10.04
CA GLN B 50 0.63 -4.94 -8.71
C GLN B 50 -0.87 -5.10 -8.49
N ARG B 51 -1.21 -5.78 -7.40
CA ARG B 51 -2.59 -6.04 -7.05
C ARG B 51 -2.98 -5.45 -5.70
N TRP B 52 -4.20 -4.94 -5.60
CA TRP B 52 -4.75 -4.54 -4.32
C TRP B 52 -5.82 -5.55 -3.98
N GLN B 53 -5.63 -6.30 -2.91
CA GLN B 53 -6.59 -7.31 -2.52
C GLN B 53 -7.09 -7.04 -1.13
N ARG B 54 -8.33 -7.41 -0.85
CA ARG B 54 -8.85 -7.34 0.49
C ARG B 54 -8.47 -8.65 1.18
N GLY B 55 -7.85 -8.55 2.36
CA GLY B 55 -7.40 -9.72 3.10
C GLY B 55 -8.08 -9.87 4.46
N GLY B 56 -7.57 -10.78 5.28
CA GLY B 56 -8.11 -11.08 6.61
C GLY B 56 -8.92 -12.37 6.66
N ASN B 57 -8.81 -13.12 7.75
CA ASN B 57 -9.52 -14.39 7.84
C ASN B 57 -11.01 -14.21 7.83
N ALA B 58 -11.53 -13.45 8.80
CA ALA B 58 -12.98 -13.25 8.87
C ALA B 58 -13.48 -12.66 7.54
N SER B 59 -12.68 -11.77 6.96
CA SER B 59 -12.99 -11.15 5.68
C SER B 59 -13.11 -12.14 4.53
N ASN B 60 -12.15 -13.06 4.41
CA ASN B 60 -12.16 -13.98 3.28
C ASN B 60 -13.29 -14.97 3.39
N SER B 61 -13.43 -15.57 4.57
CA SER B 61 -14.59 -16.42 4.83
C SER B 61 -15.90 -15.77 4.35
N CYS B 62 -16.12 -14.49 4.62
CA CYS B 62 -17.32 -13.80 4.10
C CYS B 62 -17.38 -13.85 2.57
N THR B 63 -16.27 -13.51 1.92
CA THR B 63 -16.20 -13.61 0.47
C THR B 63 -16.65 -14.99 0.01
N VAL B 64 -16.16 -16.03 0.69
CA VAL B 64 -16.51 -17.40 0.35
C VAL B 64 -17.97 -17.69 0.69
N LEU B 65 -18.38 -17.41 1.93
CA LEU B 65 -19.77 -17.63 2.31
C LEU B 65 -20.76 -17.02 1.31
N SER B 66 -20.47 -15.80 0.85
CA SER B 66 -21.31 -15.15 -0.16
C SER B 66 -21.41 -15.99 -1.43
N LEU B 67 -20.26 -16.40 -1.94
CA LEU B 67 -20.19 -17.23 -3.15
C LEU B 67 -20.90 -18.54 -2.98
N LEU B 68 -20.78 -19.14 -1.80
CA LEU B 68 -21.50 -20.37 -1.48
C LEU B 68 -23.02 -20.15 -1.44
N GLY B 69 -23.44 -18.89 -1.37
CA GLY B 69 -24.85 -18.51 -1.43
C GLY B 69 -25.57 -18.27 -0.12
N ALA B 70 -24.85 -17.87 0.94
CA ALA B 70 -25.43 -17.49 2.22
C ALA B 70 -25.41 -16.00 2.40
N PRO B 71 -26.46 -15.45 3.00
CA PRO B 71 -26.44 -14.06 3.44
C PRO B 71 -25.34 -13.95 4.46
N CYS B 72 -24.47 -12.94 4.37
CA CYS B 72 -23.46 -12.83 5.41
C CYS B 72 -23.04 -11.42 5.70
N ALA B 73 -22.51 -11.23 6.92
CA ALA B 73 -22.17 -9.93 7.43
C ALA B 73 -20.79 -10.01 8.07
N PHE B 74 -20.02 -8.93 7.95
CA PHE B 74 -18.69 -8.84 8.57
C PHE B 74 -18.68 -7.85 9.74
N MET B 75 -18.06 -8.25 10.84
CA MET B 75 -17.78 -7.31 11.92
C MET B 75 -16.29 -7.22 12.16
N GLY B 76 -15.72 -6.05 11.92
CA GLY B 76 -14.30 -5.82 12.16
C GLY B 76 -14.04 -4.33 12.24
N SER B 77 -12.86 -3.94 12.70
CA SER B 77 -12.60 -2.52 12.85
C SER B 77 -12.12 -1.86 11.58
N MET B 78 -12.72 -0.72 11.28
CA MET B 78 -12.21 0.15 10.23
C MET B 78 -12.22 1.60 10.73
N ALA B 79 -11.41 2.42 10.08
CA ALA B 79 -11.30 3.85 10.38
C ALA B 79 -11.64 4.60 9.10
N PRO B 80 -12.46 5.65 9.21
CA PRO B 80 -12.86 6.35 7.98
C PRO B 80 -11.65 6.78 7.19
N GLY B 81 -11.71 6.61 5.89
CA GLY B 81 -10.58 6.97 5.04
C GLY B 81 -10.66 6.32 3.69
N HIS B 82 -9.57 6.40 2.94
CA HIS B 82 -9.57 5.88 1.59
C HIS B 82 -9.32 4.36 1.55
N VAL B 83 -8.55 3.86 2.50
CA VAL B 83 -8.35 2.43 2.66
C VAL B 83 -9.68 1.77 3.05
N ALA B 84 -10.33 2.27 4.10
CA ALA B 84 -11.67 1.79 4.42
C ALA B 84 -12.57 1.77 3.18
N ASP B 85 -12.43 2.79 2.34
CA ASP B 85 -13.34 2.90 1.19
C ASP B 85 -13.15 1.76 0.20
N PHE B 86 -11.92 1.56 -0.25
CA PHE B 86 -11.60 0.45 -1.14
C PHE B 86 -12.01 -0.87 -0.51
N LEU B 87 -11.76 -1.00 0.79
CA LEU B 87 -12.08 -2.23 1.48
C LEU B 87 -13.58 -2.49 1.49
N VAL B 88 -14.36 -1.45 1.71
CA VAL B 88 -15.81 -1.57 1.75
C VAL B 88 -16.36 -1.87 0.36
N ALA B 89 -15.78 -1.25 -0.65
CA ALA B 89 -16.23 -1.49 -2.00
C ALA B 89 -16.09 -2.98 -2.33
N ASP B 90 -14.89 -3.54 -2.10
CA ASP B 90 -14.63 -4.95 -2.38
C ASP B 90 -15.58 -5.87 -1.65
N PHE B 91 -15.72 -5.63 -0.36
CA PHE B 91 -16.69 -6.36 0.42
C PHE B 91 -18.01 -6.38 -0.33
N ARG B 92 -18.57 -5.20 -0.58
CA ARG B 92 -19.83 -5.10 -1.30
C ARG B 92 -19.82 -5.76 -2.70
N ARG B 93 -18.72 -5.60 -3.43
CA ARG B 93 -18.53 -6.33 -4.66
C ARG B 93 -18.76 -7.85 -4.45
N ARG B 94 -18.46 -8.34 -3.23
CA ARG B 94 -18.67 -9.75 -2.94
C ARG B 94 -19.96 -10.05 -2.19
N GLY B 95 -20.93 -9.15 -2.24
CA GLY B 95 -22.22 -9.37 -1.60
C GLY B 95 -22.19 -9.36 -0.08
N VAL B 96 -21.15 -8.79 0.52
CA VAL B 96 -21.02 -8.89 1.97
C VAL B 96 -21.63 -7.69 2.67
N ASP B 97 -22.50 -7.96 3.64
CA ASP B 97 -23.14 -6.93 4.44
C ASP B 97 -22.17 -6.30 5.45
N VAL B 98 -22.09 -4.98 5.38
CA VAL B 98 -21.00 -4.24 5.99
C VAL B 98 -21.47 -3.37 7.17
N SER B 99 -22.76 -3.51 7.48
CA SER B 99 -23.44 -2.70 8.48
C SER B 99 -23.01 -2.89 9.93
N GLN B 100 -22.25 -3.94 10.25
CA GLN B 100 -21.84 -4.16 11.65
C GLN B 100 -20.44 -3.69 11.93
N VAL B 101 -19.76 -3.13 10.93
CA VAL B 101 -18.42 -2.58 11.12
C VAL B 101 -18.36 -1.63 12.32
N ALA B 102 -17.30 -1.75 13.11
CA ALA B 102 -17.06 -0.86 14.21
C ALA B 102 -16.05 0.20 13.78
N TRP B 103 -16.57 1.33 13.31
CA TRP B 103 -15.73 2.45 12.90
C TRP B 103 -15.03 3.12 14.09
N GLN B 104 -13.75 3.44 13.90
CA GLN B 104 -12.86 3.91 14.95
C GLN B 104 -12.46 5.36 14.74
N SER B 105 -12.19 6.07 15.84
CA SER B 105 -11.71 7.44 15.73
C SER B 105 -10.18 7.42 15.71
N LYS B 106 -9.60 6.38 16.30
CA LYS B 106 -8.15 6.29 16.42
C LYS B 106 -7.58 5.16 15.56
N GLY B 107 -6.45 5.43 14.91
CA GLY B 107 -5.66 4.39 14.27
C GLY B 107 -5.86 4.20 12.79
N ASP B 108 -4.91 3.51 12.17
CA ASP B 108 -4.93 3.16 10.73
C ASP B 108 -5.77 1.92 10.43
N THR B 109 -6.59 2.00 9.38
CA THR B 109 -7.18 0.79 8.81
C THR B 109 -6.04 -0.05 8.26
N PRO B 110 -5.98 -1.32 8.68
CA PRO B 110 -4.83 -2.21 8.42
C PRO B 110 -4.50 -2.32 6.94
N SER B 111 -3.23 -2.29 6.61
CA SER B 111 -2.81 -2.37 5.22
C SER B 111 -1.39 -2.89 5.18
N SER B 112 -1.19 -3.99 4.44
CA SER B 112 0.10 -4.65 4.38
C SER B 112 0.70 -4.54 3.01
N CYS B 113 2.02 -4.50 2.95
CA CYS B 113 2.73 -4.52 1.67
C CYS B 113 3.39 -5.89 1.50
N CYS B 114 3.16 -6.52 0.36
N CYS B 114 3.18 -6.52 0.35
CA CYS B 114 3.83 -7.78 0.08
CA CYS B 114 3.73 -7.84 0.06
C CYS B 114 4.62 -7.74 -1.21
C CYS B 114 4.57 -7.82 -1.23
N ILE B 115 5.82 -8.29 -1.15
CA ILE B 115 6.70 -8.30 -2.31
C ILE B 115 7.07 -9.72 -2.67
N ILE B 116 6.61 -10.15 -3.84
CA ILE B 116 6.84 -11.49 -4.34
C ILE B 116 7.96 -11.51 -5.40
N ASN B 117 9.08 -12.13 -5.02
CA ASN B 117 10.23 -12.25 -5.90
C ASN B 117 9.89 -13.28 -6.97
N ASN B 118 9.78 -12.84 -8.21
CA ASN B 118 9.33 -13.70 -9.29
C ASN B 118 10.25 -14.90 -9.58
N SER B 119 11.56 -14.69 -9.51
CA SER B 119 12.50 -15.79 -9.76
C SER B 119 12.91 -16.52 -8.48
N ASN B 120 11.98 -17.30 -7.93
CA ASN B 120 12.20 -18.12 -6.73
C ASN B 120 11.01 -18.00 -5.79
N GLY B 121 9.99 -17.28 -6.25
CA GLY B 121 8.71 -17.18 -5.57
C GLY B 121 8.68 -16.86 -4.08
N ASN B 122 9.75 -16.26 -3.55
CA ASN B 122 9.75 -15.87 -2.14
C ASN B 122 8.84 -14.67 -1.83
N ARG B 123 8.35 -14.63 -0.59
CA ARG B 123 7.47 -13.57 -0.16
C ARG B 123 8.05 -12.80 1.04
N THR B 124 8.30 -11.51 0.83
CA THR B 124 8.71 -10.62 1.92
C THR B 124 7.54 -9.75 2.32
N ILE B 125 7.16 -9.78 3.60
CA ILE B 125 5.97 -9.06 4.03
C ILE B 125 6.21 -7.99 5.11
N VAL B 126 5.84 -6.74 4.80
CA VAL B 126 5.68 -5.70 5.81
C VAL B 126 4.22 -5.72 6.28
N LEU B 127 4.03 -6.12 7.55
CA LEU B 127 2.72 -6.33 8.16
C LEU B 127 2.04 -5.03 8.61
N HIS B 128 0.76 -4.86 8.26
CA HIS B 128 -0.05 -3.74 8.73
C HIS B 128 0.32 -3.36 10.17
N ASP B 129 0.17 -2.09 10.51
CA ASP B 129 0.53 -1.66 11.87
C ASP B 129 -0.52 -2.07 12.90
N THR B 130 -0.39 -1.56 14.12
CA THR B 130 -1.17 -2.05 15.25
C THR B 130 -2.10 -0.97 15.80
N SER B 131 -2.07 0.19 15.17
CA SER B 131 -2.75 1.38 15.67
C SER B 131 -4.28 1.25 15.85
N LEU B 132 -4.93 0.40 15.07
CA LEU B 132 -6.38 0.37 15.10
C LEU B 132 -6.91 -0.52 16.22
N PRO B 133 -7.87 -0.01 16.99
CA PRO B 133 -8.42 -0.84 18.08
C PRO B 133 -9.15 -2.07 17.53
N ASP B 134 -9.06 -3.21 18.21
CA ASP B 134 -9.88 -4.37 17.87
C ASP B 134 -11.33 -4.09 18.26
N VAL B 135 -12.24 -4.90 17.72
CA VAL B 135 -13.63 -4.86 18.16
C VAL B 135 -13.69 -5.24 19.64
N SER B 136 -14.43 -4.49 20.44
CA SER B 136 -14.52 -4.75 21.89
C SER B 136 -15.81 -5.41 22.33
N ALA B 137 -15.82 -5.90 23.56
CA ALA B 137 -17.01 -6.55 24.07
C ALA B 137 -18.15 -5.52 24.15
N THR B 138 -17.80 -4.24 24.31
CA THR B 138 -18.82 -3.19 24.35
C THR B 138 -19.23 -2.77 22.96
N ASP B 139 -18.28 -2.75 22.02
CA ASP B 139 -18.63 -2.64 20.61
C ASP B 139 -19.70 -3.71 20.30
N PHE B 140 -19.49 -4.93 20.80
CA PHE B 140 -20.31 -6.09 20.46
C PHE B 140 -21.69 -6.16 21.15
N GLU B 141 -21.76 -5.63 22.38
CA GLU B 141 -23.01 -5.48 23.14
C GLU B 141 -24.09 -4.82 22.32
N LYS B 142 -23.70 -3.87 21.48
CA LYS B 142 -24.64 -3.02 20.75
C LYS B 142 -25.30 -3.69 19.55
N VAL B 143 -25.06 -4.99 19.36
CA VAL B 143 -25.53 -5.70 18.15
C VAL B 143 -26.78 -6.53 18.41
N ASP B 144 -27.85 -6.21 17.73
CA ASP B 144 -29.05 -7.03 17.84
C ASP B 144 -28.78 -8.35 17.09
N LEU B 145 -28.63 -9.42 17.87
CA LEU B 145 -28.23 -10.73 17.35
C LEU B 145 -29.32 -11.51 16.60
N THR B 146 -30.60 -11.18 16.82
CA THR B 146 -31.68 -11.88 16.15
C THR B 146 -31.40 -12.13 14.65
N GLN B 147 -30.56 -11.28 14.08
CA GLN B 147 -30.20 -11.30 12.66
C GLN B 147 -29.54 -12.59 12.22
N PHE B 148 -28.83 -13.23 13.15
CA PHE B 148 -27.87 -14.26 12.79
C PHE B 148 -28.27 -15.65 13.20
N LYS B 149 -27.90 -16.63 12.37
CA LYS B 149 -28.15 -18.02 12.69
C LYS B 149 -26.84 -18.69 13.09
N TRP B 150 -25.73 -18.00 12.83
CA TRP B 150 -24.41 -18.54 13.11
C TRP B 150 -23.41 -17.40 13.26
N ILE B 151 -22.60 -17.43 14.31
CA ILE B 151 -21.55 -16.42 14.49
C ILE B 151 -20.19 -17.12 14.62
N HIS B 152 -19.22 -16.64 13.85
CA HIS B 152 -17.91 -17.26 13.83
C HIS B 152 -16.86 -16.23 14.23
N ILE B 153 -15.90 -16.60 15.07
CA ILE B 153 -15.00 -15.59 15.59
C ILE B 153 -13.55 -15.94 15.40
N GLU B 154 -12.88 -15.21 14.51
CA GLU B 154 -11.44 -15.28 14.40
C GLU B 154 -10.86 -14.86 15.74
N GLY B 155 -9.97 -15.67 16.28
CA GLY B 155 -9.35 -15.36 17.56
C GLY B 155 -8.29 -14.29 17.45
N ARG B 156 -8.49 -13.20 18.19
CA ARG B 156 -7.52 -12.11 18.15
C ARG B 156 -7.32 -11.50 19.51
N ASN B 157 -8.30 -10.76 19.99
CA ASN B 157 -8.24 -10.12 21.29
C ASN B 157 -9.11 -10.88 22.29
N ALA B 158 -8.49 -11.90 22.89
CA ALA B 158 -9.23 -13.03 23.47
C ALA B 158 -10.07 -12.69 24.70
N SER B 159 -9.50 -11.92 25.62
CA SER B 159 -10.21 -11.55 26.84
C SER B 159 -11.54 -10.87 26.48
N GLU B 160 -11.50 -9.97 25.50
CA GLU B 160 -12.70 -9.32 25.02
C GLU B 160 -13.70 -10.26 24.34
N GLN B 161 -13.19 -11.07 23.43
CA GLN B 161 -14.04 -11.94 22.63
C GLN B 161 -14.68 -13.00 23.52
N VAL B 162 -14.02 -13.31 24.63
CA VAL B 162 -14.65 -14.18 25.63
C VAL B 162 -15.97 -13.59 26.10
N LYS B 163 -15.97 -12.29 26.39
CA LYS B 163 -17.21 -11.61 26.78
C LYS B 163 -18.30 -11.69 25.71
N MET B 164 -17.92 -11.56 24.44
CA MET B 164 -18.87 -11.72 23.33
C MET B 164 -19.41 -13.15 23.27
N LEU B 165 -18.53 -14.11 23.53
CA LEU B 165 -18.94 -15.51 23.49
C LEU B 165 -19.90 -15.81 24.63
N GLN B 166 -19.59 -15.29 25.82
CA GLN B 166 -20.53 -15.36 26.92
C GLN B 166 -21.84 -14.63 26.59
N ARG B 167 -21.76 -13.45 25.98
CA ARG B 167 -22.98 -12.77 25.56
C ARG B 167 -23.90 -13.66 24.70
N ILE B 168 -23.33 -14.30 23.68
CA ILE B 168 -24.09 -15.22 22.82
C ILE B 168 -24.67 -16.38 23.63
N ASP B 169 -23.93 -16.84 24.63
CA ASP B 169 -24.45 -17.95 25.45
C ASP B 169 -25.74 -17.52 26.14
N ALA B 170 -25.68 -16.34 26.78
CA ALA B 170 -26.85 -15.73 27.40
C ALA B 170 -28.06 -15.79 26.49
N HIS B 171 -27.96 -15.09 25.37
CA HIS B 171 -29.01 -15.06 24.36
C HIS B 171 -29.65 -16.43 24.14
N ASN B 172 -28.82 -17.47 24.05
CA ASN B 172 -29.30 -18.79 23.65
C ASN B 172 -30.18 -19.43 24.70
N THR B 173 -29.80 -19.22 25.96
CA THR B 173 -30.53 -19.70 27.13
C THR B 173 -32.05 -19.63 26.96
N ARG B 174 -32.51 -18.57 26.32
CA ARG B 174 -33.92 -18.24 26.27
C ARG B 174 -34.61 -18.71 24.99
N GLN B 175 -33.81 -19.13 24.02
CA GLN B 175 -34.34 -19.52 22.72
C GLN B 175 -34.46 -21.02 22.60
N PRO B 176 -35.58 -21.49 22.05
CA PRO B 176 -35.80 -22.92 21.80
C PRO B 176 -34.69 -23.44 20.91
N PRO B 177 -34.41 -24.75 20.96
CA PRO B 177 -33.27 -25.33 20.25
C PRO B 177 -33.18 -24.98 18.75
N GLU B 178 -34.26 -24.50 18.14
CA GLU B 178 -34.28 -24.23 16.71
C GLU B 178 -34.07 -22.74 16.41
N GLN B 179 -34.06 -21.92 17.47
CA GLN B 179 -33.76 -20.50 17.34
C GLN B 179 -32.43 -20.13 18.02
N LYS B 180 -31.59 -21.14 18.24
CA LYS B 180 -30.29 -20.89 18.85
C LYS B 180 -29.29 -20.50 17.78
N ILE B 181 -28.46 -19.52 18.10
CA ILE B 181 -27.38 -19.11 17.22
C ILE B 181 -26.17 -20.04 17.37
N ARG B 182 -25.83 -20.80 16.32
CA ARG B 182 -24.63 -21.64 16.33
C ARG B 182 -23.41 -20.76 16.38
N VAL B 183 -22.34 -21.25 17.00
CA VAL B 183 -21.15 -20.43 17.20
C VAL B 183 -19.88 -21.22 16.85
N SER B 184 -18.93 -20.56 16.18
CA SER B 184 -17.65 -21.20 15.93
C SER B 184 -16.52 -20.25 16.19
N VAL B 185 -15.34 -20.81 16.41
CA VAL B 185 -14.15 -20.04 16.78
C VAL B 185 -12.93 -20.57 15.99
N GLU B 186 -12.06 -19.67 15.56
CA GLU B 186 -10.80 -20.05 14.93
C GLU B 186 -9.60 -19.59 15.71
N VAL B 187 -8.73 -20.53 16.06
CA VAL B 187 -7.47 -20.22 16.71
C VAL B 187 -6.37 -20.53 15.70
N GLU B 188 -5.77 -19.50 15.10
CA GLU B 188 -4.86 -19.75 13.99
C GLU B 188 -3.48 -19.09 14.14
N LYS B 189 -3.28 -18.39 15.24
CA LYS B 189 -1.98 -17.82 15.55
C LYS B 189 -1.44 -18.51 16.80
N PRO B 190 -0.15 -18.84 16.81
CA PRO B 190 0.46 -19.47 17.97
C PRO B 190 0.69 -18.46 19.08
N ARG B 191 -0.37 -18.03 19.78
CA ARG B 191 -0.25 -17.04 20.85
C ARG B 191 -0.94 -17.56 22.09
N GLU B 192 -0.18 -17.72 23.18
CA GLU B 192 -0.74 -18.26 24.42
C GLU B 192 -2.13 -17.69 24.75
N GLU B 193 -2.30 -16.39 24.58
CA GLU B 193 -3.56 -15.71 24.85
C GLU B 193 -4.79 -16.46 24.33
N LEU B 194 -4.79 -16.68 23.03
CA LEU B 194 -5.92 -17.30 22.31
C LEU B 194 -6.39 -18.65 22.83
N PHE B 195 -5.53 -19.38 23.53
CA PHE B 195 -5.85 -20.78 23.84
C PHE B 195 -7.14 -20.95 24.66
N GLN B 196 -7.56 -19.91 25.36
CA GLN B 196 -8.77 -20.00 26.16
C GLN B 196 -9.99 -20.17 25.27
N LEU B 197 -9.90 -19.64 24.05
CA LEU B 197 -11.05 -19.66 23.16
C LEU B 197 -11.44 -21.11 22.90
N PHE B 198 -10.50 -22.03 23.07
CA PHE B 198 -10.79 -23.44 22.86
C PHE B 198 -12.05 -23.86 23.62
N GLY B 199 -12.30 -23.19 24.74
CA GLY B 199 -13.40 -23.55 25.61
C GLY B 199 -14.75 -22.94 25.24
N TYR B 200 -14.83 -22.40 24.03
CA TYR B 200 -16.05 -21.74 23.61
C TYR B 200 -16.50 -22.19 22.22
N GLY B 201 -17.75 -21.91 21.88
CA GLY B 201 -18.28 -22.27 20.58
C GLY B 201 -18.62 -23.75 20.38
N ASP B 202 -19.53 -24.01 19.44
CA ASP B 202 -19.89 -25.35 19.05
C ASP B 202 -18.86 -25.96 18.12
N VAL B 203 -18.20 -25.12 17.34
CA VAL B 203 -17.17 -25.63 16.46
C VAL B 203 -15.88 -24.87 16.68
N VAL B 204 -14.77 -25.61 16.73
CA VAL B 204 -13.48 -25.02 17.02
C VAL B 204 -12.47 -25.43 15.95
N PHE B 205 -12.01 -24.45 15.19
CA PHE B 205 -10.99 -24.67 14.18
C PHE B 205 -9.61 -24.38 14.75
N VAL B 206 -8.72 -25.35 14.68
CA VAL B 206 -7.35 -25.17 15.08
C VAL B 206 -6.52 -25.37 13.84
N SER B 207 -5.48 -24.56 13.67
CA SER B 207 -4.75 -24.57 12.42
C SER B 207 -3.47 -25.39 12.49
N LYS B 208 -3.10 -26.04 11.39
CA LYS B 208 -1.86 -26.79 11.34
C LYS B 208 -0.73 -26.06 12.03
N ASP B 209 -0.59 -24.77 11.77
CA ASP B 209 0.51 -24.00 12.34
C ASP B 209 0.43 -23.89 13.87
N VAL B 210 -0.77 -23.76 14.43
CA VAL B 210 -0.89 -23.69 15.88
C VAL B 210 -0.53 -25.03 16.48
N ALA B 211 -1.05 -26.10 15.88
CA ALA B 211 -0.84 -27.45 16.41
C ALA B 211 0.63 -27.85 16.38
N LYS B 212 1.35 -27.48 15.33
CA LYS B 212 2.77 -27.74 15.28
C LYS B 212 3.55 -27.05 16.41
N HIS B 213 3.14 -25.82 16.76
CA HIS B 213 3.79 -25.11 17.86
C HIS B 213 3.53 -25.77 19.20
N LEU B 214 2.29 -26.17 19.45
CA LEU B 214 2.01 -26.98 20.62
C LEU B 214 2.68 -28.36 20.53
N GLY B 215 3.45 -28.59 19.48
CA GLY B 215 4.25 -29.80 19.39
C GLY B 215 3.67 -31.01 18.66
N PHE B 216 2.39 -30.98 18.34
CA PHE B 216 1.78 -32.06 17.58
C PHE B 216 2.32 -32.14 16.17
N GLN B 217 2.22 -33.32 15.56
CA GLN B 217 2.83 -33.55 14.26
C GLN B 217 1.84 -34.08 13.24
N SER B 218 0.57 -34.12 13.61
CA SER B 218 -0.47 -34.57 12.70
C SER B 218 -1.85 -34.22 13.27
N ALA B 219 -2.81 -33.94 12.39
CA ALA B 219 -4.14 -33.51 12.80
C ALA B 219 -4.76 -34.46 13.81
N GLU B 220 -4.50 -35.75 13.68
CA GLU B 220 -4.98 -36.72 14.67
C GLU B 220 -4.32 -36.49 16.05
N GLU B 221 -3.03 -36.16 16.05
CA GLU B 221 -2.34 -35.86 17.31
C GLU B 221 -2.92 -34.59 17.95
N ALA B 222 -3.11 -33.57 17.12
CA ALA B 222 -3.75 -32.33 17.55
C ALA B 222 -5.14 -32.57 18.14
N LEU B 223 -6.02 -33.21 17.37
CA LEU B 223 -7.37 -33.45 17.88
C LEU B 223 -7.36 -34.27 19.18
N ARG B 224 -6.59 -35.34 19.22
CA ARG B 224 -6.61 -36.20 20.38
C ARG B 224 -6.01 -35.50 21.58
N GLY B 225 -5.04 -34.63 21.32
CA GLY B 225 -4.35 -33.94 22.38
C GLY B 225 -5.00 -32.67 22.87
N LEU B 226 -5.95 -32.13 22.11
CA LEU B 226 -6.56 -30.85 22.47
C LEU B 226 -8.04 -30.97 22.78
N TYR B 227 -8.63 -32.11 22.45
CA TYR B 227 -10.08 -32.22 22.64
C TYR B 227 -10.51 -31.86 24.05
N GLY B 228 -9.71 -32.28 25.03
CA GLY B 228 -9.98 -31.99 26.42
C GLY B 228 -10.18 -30.50 26.68
N ARG B 229 -9.45 -29.65 25.94
CA ARG B 229 -9.57 -28.22 26.15
C ARG B 229 -10.91 -27.63 25.65
N VAL B 230 -11.72 -28.38 24.90
CA VAL B 230 -12.96 -27.82 24.37
C VAL B 230 -14.13 -28.03 25.30
N ARG B 231 -15.14 -27.18 25.13
CA ARG B 231 -16.37 -27.27 25.91
C ARG B 231 -17.17 -28.51 25.51
N LYS B 232 -17.96 -29.04 26.45
CA LYS B 232 -18.67 -30.29 26.21
C LYS B 232 -19.65 -30.17 25.06
N GLY B 233 -19.71 -31.20 24.22
CA GLY B 233 -20.60 -31.19 23.08
C GLY B 233 -19.95 -30.72 21.79
N ALA B 234 -18.79 -30.06 21.92
CA ALA B 234 -18.16 -29.39 20.79
C ALA B 234 -17.40 -30.28 19.82
N VAL B 235 -17.36 -29.83 18.56
CA VAL B 235 -16.54 -30.44 17.54
C VAL B 235 -15.26 -29.63 17.36
N LEU B 236 -14.11 -30.30 17.44
CA LEU B 236 -12.82 -29.65 17.18
C LEU B 236 -12.36 -30.06 15.78
N VAL B 237 -11.78 -29.13 15.02
CA VAL B 237 -11.54 -29.33 13.58
C VAL B 237 -10.11 -28.92 13.20
N CYS B 238 -9.37 -29.82 12.53
CA CYS B 238 -8.00 -29.52 12.12
C CYS B 238 -7.63 -29.92 10.68
N ALA B 239 -7.15 -28.96 9.91
CA ALA B 239 -6.80 -29.22 8.51
C ALA B 239 -5.29 -29.29 8.33
N TRP B 240 -4.84 -30.19 7.46
CA TRP B 240 -3.41 -30.40 7.30
C TRP B 240 -2.97 -30.26 5.85
N ALA B 241 -3.39 -29.18 5.21
CA ALA B 241 -3.01 -28.90 3.83
C ALA B 241 -3.31 -30.13 3.01
N GLU B 242 -2.31 -30.62 2.28
CA GLU B 242 -2.49 -31.77 1.39
C GLU B 242 -2.81 -33.09 2.09
N GLU B 243 -2.62 -33.14 3.41
CA GLU B 243 -2.92 -34.35 4.17
C GLU B 243 -4.39 -34.49 4.54
N GLY B 244 -5.21 -33.56 4.04
CA GLY B 244 -6.64 -33.56 4.31
C GLY B 244 -7.01 -32.81 5.57
N ALA B 245 -8.09 -33.24 6.19
CA ALA B 245 -8.56 -32.61 7.40
C ALA B 245 -9.27 -33.61 8.30
N ASP B 246 -9.20 -33.39 9.60
CA ASP B 246 -9.87 -34.27 10.56
C ASP B 246 -10.86 -33.49 11.42
N ALA B 247 -11.66 -34.25 12.15
CA ALA B 247 -12.57 -33.62 13.11
C ALA B 247 -13.00 -34.63 14.17
N LEU B 248 -13.31 -34.11 15.35
CA LEU B 248 -13.52 -34.92 16.52
C LEU B 248 -14.63 -34.34 17.36
N GLY B 249 -15.64 -35.15 17.61
CA GLY B 249 -16.77 -34.68 18.41
C GLY B 249 -16.90 -35.27 19.79
N PRO B 250 -18.07 -35.12 20.39
CA PRO B 250 -18.31 -35.73 21.69
C PRO B 250 -18.28 -37.25 21.58
N ASP B 251 -18.69 -37.79 20.43
CA ASP B 251 -18.71 -39.24 20.31
C ASP B 251 -17.33 -39.84 20.26
N GLY B 252 -16.30 -39.00 20.33
CA GLY B 252 -14.93 -39.47 20.39
C GLY B 252 -14.40 -40.18 19.14
N LYS B 253 -15.21 -40.24 18.09
CA LYS B 253 -14.83 -40.89 16.85
C LYS B 253 -14.11 -39.92 15.89
N LEU B 254 -12.85 -40.24 15.55
CA LEU B 254 -12.02 -39.39 14.70
C LEU B 254 -12.44 -39.46 13.23
N LEU B 255 -12.92 -38.32 12.71
CA LEU B 255 -13.41 -38.24 11.33
C LEU B 255 -12.35 -37.66 10.41
N HIS B 256 -12.40 -37.99 9.14
CA HIS B 256 -11.35 -37.58 8.22
C HIS B 256 -11.77 -37.48 6.74
N SER B 257 -11.15 -36.55 6.01
CA SER B 257 -11.33 -36.45 4.57
C SER B 257 -10.01 -36.14 3.88
N ASP B 258 -9.74 -36.81 2.77
CA ASP B 258 -8.48 -36.57 2.09
C ASP B 258 -8.65 -35.26 1.39
N ALA B 259 -7.53 -34.65 0.99
CA ALA B 259 -7.57 -33.46 0.15
C ALA B 259 -8.16 -33.78 -1.22
N PHE B 260 -8.54 -32.71 -1.92
CA PHE B 260 -8.97 -32.84 -3.30
C PHE B 260 -8.01 -32.04 -4.16
N PRO B 261 -6.90 -32.65 -4.55
CA PRO B 261 -5.94 -31.89 -5.35
C PRO B 261 -6.61 -31.30 -6.59
N PRO B 262 -6.28 -30.05 -6.91
CA PRO B 262 -6.71 -29.45 -8.18
C PRO B 262 -5.77 -29.86 -9.30
N PRO B 263 -6.19 -29.66 -10.56
CA PRO B 263 -5.36 -29.94 -11.73
C PRO B 263 -3.89 -29.52 -11.53
N ARG B 264 -3.68 -28.31 -11.06
CA ARG B 264 -2.37 -27.90 -10.56
C ARG B 264 -2.55 -26.79 -9.54
N VAL B 265 -1.61 -26.66 -8.60
CA VAL B 265 -1.75 -25.63 -7.57
C VAL B 265 -1.29 -24.24 -8.04
N VAL B 266 -2.13 -23.23 -7.80
CA VAL B 266 -1.91 -21.88 -8.33
C VAL B 266 -1.86 -20.80 -7.25
N ASP B 267 -2.77 -20.90 -6.28
CA ASP B 267 -2.93 -19.91 -5.22
C ASP B 267 -3.47 -20.64 -3.98
N THR B 268 -2.67 -20.78 -2.93
CA THR B 268 -3.17 -21.45 -1.74
C THR B 268 -3.50 -20.42 -0.68
N LEU B 269 -3.14 -19.18 -0.97
CA LEU B 269 -3.47 -18.07 -0.11
C LEU B 269 -4.96 -18.00 0.13
N GLY B 270 -5.36 -18.07 1.40
CA GLY B 270 -6.75 -17.97 1.76
C GLY B 270 -7.47 -19.30 1.71
N ALA B 271 -6.72 -20.37 1.48
CA ALA B 271 -7.32 -21.70 1.35
C ALA B 271 -8.00 -22.13 2.64
N GLY B 272 -7.30 -21.99 3.77
CA GLY B 272 -7.87 -22.22 5.08
C GLY B 272 -9.10 -21.38 5.40
N ASP B 273 -9.09 -20.12 4.98
CA ASP B 273 -10.30 -19.31 5.11
C ASP B 273 -11.45 -19.94 4.32
N THR B 274 -11.13 -20.52 3.18
CA THR B 274 -12.13 -21.22 2.40
C THR B 274 -12.60 -22.51 3.08
N PHE B 275 -11.66 -23.30 3.59
CA PHE B 275 -12.02 -24.50 4.30
C PHE B 275 -12.99 -24.14 5.44
N ASN B 276 -12.61 -23.14 6.22
CA ASN B 276 -13.43 -22.65 7.33
C ASN B 276 -14.85 -22.32 6.94
N ALA B 277 -14.99 -21.42 5.96
CA ALA B 277 -16.31 -20.95 5.61
C ALA B 277 -17.16 -22.10 5.10
N SER B 278 -16.54 -23.02 4.36
CA SER B 278 -17.28 -24.09 3.71
C SER B 278 -17.76 -25.04 4.77
N VAL B 279 -16.90 -25.36 5.72
CA VAL B 279 -17.35 -26.21 6.80
C VAL B 279 -18.51 -25.55 7.53
N ILE B 280 -18.32 -24.31 7.96
CA ILE B 280 -19.39 -23.54 8.57
C ILE B 280 -20.66 -23.66 7.71
N PHE B 281 -20.53 -23.40 6.41
CA PHE B 281 -21.72 -23.34 5.56
C PHE B 281 -22.51 -24.64 5.62
N SER B 282 -21.83 -25.75 5.36
CA SER B 282 -22.38 -27.11 5.33
C SER B 282 -23.07 -27.48 6.63
N LEU B 283 -22.43 -27.16 7.76
CA LEU B 283 -23.08 -27.40 9.05
C LEU B 283 -24.36 -26.58 9.20
N SER B 284 -24.33 -25.31 8.82
CA SER B 284 -25.52 -24.48 8.94
C SER B 284 -26.66 -24.98 8.05
N GLN B 285 -26.33 -25.66 6.96
CA GLN B 285 -27.37 -26.22 6.11
C GLN B 285 -27.92 -27.55 6.67
N GLY B 286 -27.46 -27.93 7.87
CA GLY B 286 -27.93 -29.13 8.50
C GLY B 286 -27.19 -30.43 8.14
N ARG B 287 -26.10 -30.33 7.39
CA ARG B 287 -25.35 -31.51 7.04
C ARG B 287 -24.54 -32.03 8.23
N SER B 288 -23.99 -33.24 8.07
CA SER B 288 -23.21 -33.91 9.12
C SER B 288 -21.76 -33.44 9.17
N VAL B 289 -21.14 -33.50 10.35
CA VAL B 289 -19.73 -33.18 10.47
C VAL B 289 -18.88 -33.86 9.39
N GLN B 290 -19.09 -35.15 9.18
CA GLN B 290 -18.38 -35.90 8.15
C GLN B 290 -18.62 -35.26 6.79
N GLU B 291 -19.88 -34.94 6.52
CA GLU B 291 -20.23 -34.27 5.26
C GLU B 291 -19.66 -32.83 5.14
N ALA B 292 -19.73 -32.06 6.23
CA ALA B 292 -19.21 -30.71 6.22
C ALA B 292 -17.69 -30.74 6.01
N LEU B 293 -17.07 -31.73 6.64
CA LEU B 293 -15.63 -31.88 6.60
C LEU B 293 -15.19 -32.18 5.16
N ARG B 294 -15.87 -33.12 4.51
CA ARG B 294 -15.59 -33.43 3.11
C ARG B 294 -15.75 -32.20 2.20
N PHE B 295 -16.92 -31.59 2.26
CA PHE B 295 -17.20 -30.36 1.52
C PHE B 295 -16.11 -29.32 1.72
N GLY B 296 -15.80 -29.05 2.97
CA GLY B 296 -14.71 -28.17 3.31
C GLY B 296 -13.49 -28.50 2.49
N CYS B 297 -13.12 -29.77 2.42
CA CYS B 297 -11.97 -30.18 1.61
C CYS B 297 -12.18 -29.97 0.10
N GLN B 298 -13.35 -30.32 -0.40
CA GLN B 298 -13.60 -30.09 -1.82
C GLN B 298 -13.47 -28.62 -2.22
N VAL B 299 -14.13 -27.71 -1.52
CA VAL B 299 -14.09 -26.31 -1.92
C VAL B 299 -12.68 -25.73 -1.79
N ALA B 300 -12.04 -26.01 -0.67
CA ALA B 300 -10.68 -25.54 -0.46
C ALA B 300 -9.68 -26.07 -1.51
N GLY B 301 -9.95 -27.26 -2.04
CA GLY B 301 -9.06 -27.89 -3.00
C GLY B 301 -9.22 -27.21 -4.33
N LYS B 302 -10.47 -26.99 -4.72
CA LYS B 302 -10.78 -26.21 -5.91
C LYS B 302 -10.10 -24.84 -5.79
N LYS B 303 -10.24 -24.19 -4.65
CA LYS B 303 -9.69 -22.85 -4.53
C LYS B 303 -8.21 -22.83 -4.88
N CYS B 304 -7.47 -23.81 -4.39
CA CYS B 304 -6.03 -23.90 -4.58
C CYS B 304 -5.59 -23.97 -6.04
N GLY B 305 -6.45 -24.48 -6.92
CA GLY B 305 -6.12 -24.52 -8.33
C GLY B 305 -6.54 -23.25 -9.06
N LEU B 306 -7.06 -22.29 -8.30
CA LEU B 306 -7.59 -21.07 -8.89
C LEU B 306 -6.85 -19.87 -8.36
N GLN B 307 -6.94 -18.77 -9.08
CA GLN B 307 -6.38 -17.52 -8.62
C GLN B 307 -7.50 -16.74 -7.94
N GLY B 308 -7.35 -16.45 -6.66
CA GLY B 308 -8.38 -15.76 -5.92
C GLY B 308 -9.56 -16.65 -5.59
N PHE B 309 -10.75 -16.06 -5.58
CA PHE B 309 -11.92 -16.79 -5.14
C PHE B 309 -12.96 -16.98 -6.24
N ASP B 310 -12.82 -16.26 -7.34
CA ASP B 310 -13.82 -16.23 -8.40
C ASP B 310 -14.25 -17.60 -8.87
N GLY B 311 -13.28 -18.46 -9.18
CA GLY B 311 -13.63 -19.76 -9.70
C GLY B 311 -14.44 -20.68 -8.79
N ILE B 312 -14.25 -20.55 -7.48
CA ILE B 312 -14.61 -21.62 -6.55
C ILE B 312 -16.04 -22.14 -6.59
N VAL B 313 -16.97 -21.35 -7.12
CA VAL B 313 -18.43 -21.59 -7.01
C VAL B 313 -18.86 -22.87 -6.27
C01 XNB C . 22.24 18.30 -1.08
S02 XNB C . 20.62 18.03 -0.31
C03 XNB C . 19.79 16.68 -1.12
C04 XNB C . 19.43 16.70 -2.48
C05 XNB C . 18.82 15.59 -3.07
C06 XNB C . 18.56 14.46 -2.29
C07 XNB C . 18.92 14.44 -0.93
C08 XNB C . 19.56 15.54 -0.31
N09 XNB C . 19.98 15.59 1.10
C10 XNB C . 20.26 14.44 1.89
N11 XNB C . 20.01 13.18 1.34
C12 XNB C . 20.29 12.01 2.10
N13 XNB C . 20.82 12.05 3.38
C14 XNB C . 21.07 13.29 3.93
C15 XNB C . 21.65 13.42 5.33
N16 XNB C . 21.87 14.66 5.83
C17 XNB C . 21.55 15.77 5.01
N18 XNB C . 21.06 15.77 3.79
C19 XNB C . 20.81 14.51 3.24
N20 XNB C . 21.90 12.19 5.97
C21 XNB C . 22.45 12.11 7.32
C22 XNB C . 23.76 12.65 7.83
C23 XNB C . 25.12 12.29 7.20
C24 XNB C . 24.73 11.70 8.54
N25 XNB C . 20.05 10.67 1.58
C26 XNB C . 19.51 10.49 0.21
C27 XNB C . 19.97 9.20 -0.53
N28 XNB C . 19.84 8.00 0.30
C29 XNB C . 20.61 8.10 1.54
C30 XNB C . 20.35 9.41 2.35
S SO4 D . 14.00 11.46 -3.76
O1 SO4 D . 13.46 12.81 -3.68
O2 SO4 D . 13.78 10.97 -5.13
O3 SO4 D . 15.45 11.49 -3.46
O4 SO4 D . 13.24 10.64 -2.82
C01 XNB E . -7.77 -29.97 3.46
S02 XNB E . -8.20 -28.43 2.58
C03 XNB E . -7.21 -27.10 3.23
C04 XNB E . -7.45 -26.49 4.47
C05 XNB E . -6.64 -25.43 4.90
C06 XNB E . -5.60 -25.02 4.07
C07 XNB E . -5.35 -25.63 2.82
C08 XNB E . -6.15 -26.70 2.37
N09 XNB E . -6.01 -27.40 1.09
C10 XNB E . -4.80 -27.67 0.38
N11 XNB E . -3.64 -27.03 0.79
C12 XNB E . -2.42 -27.31 0.08
N13 XNB E . -2.35 -28.19 -1.00
C14 XNB E . -3.53 -28.82 -1.42
C15 XNB E . -3.63 -29.84 -2.60
N16 XNB E . -4.86 -30.37 -2.85
C17 XNB E . -5.96 -30.00 -2.08
N18 XNB E . -5.99 -29.15 -1.07
C19 XNB E . -4.76 -28.58 -0.74
N20 XNB E . -2.51 -30.20 -3.39
C21 XNB E . -1.16 -29.82 -2.94
C22 XNB E . 0.14 -29.55 -3.67
C23 XNB E . 1.46 -29.58 -2.85
C24 XNB E . 0.97 -28.28 -3.43
N25 XNB E . -1.24 -26.62 0.57
C26 XNB E . 0.04 -26.67 -0.18
C27 XNB E . 1.35 -26.13 0.47
N28 XNB E . 1.20 -25.09 1.49
C29 XNB E . 0.07 -25.31 2.42
C30 XNB E . -1.27 -25.65 1.72
S SO4 F . -10.52 -12.10 -6.54
O1 SO4 F . -10.37 -13.12 -7.60
O2 SO4 F . -11.43 -12.54 -5.48
O3 SO4 F . -9.22 -11.84 -5.93
O4 SO4 F . -11.05 -10.88 -7.18
S SO4 G . -2.29 -10.19 12.43
O1 SO4 G . -1.09 -10.79 13.05
O2 SO4 G . -3.49 -10.67 13.09
O3 SO4 G . -2.21 -8.75 12.65
O4 SO4 G . -2.37 -10.51 10.99
#